data_2X7I
#
_entry.id   2X7I
#
_cell.length_a   94.589
_cell.length_b   94.589
_cell.length_c   169.010
_cell.angle_alpha   90.00
_cell.angle_beta   90.00
_cell.angle_gamma   120.00
#
_symmetry.space_group_name_H-M   'P 62 2 2'
#
loop_
_entity.id
_entity.type
_entity.pdbx_description
1 polymer 'MEVALONATE KINASE'
2 non-polymer 'CITRIC ACID'
3 non-polymer 'CHLORIDE ION'
4 water water
#
_entity_poly.entity_id   1
_entity_poly.type   'polypeptide(L)'
_entity_poly.pdbx_seq_one_letter_code
;GAMTRKGYGESTGKIILIGEHAVTFGEPAIAVPFNAGKIKVLIEALESGNYSSIKSDVYDGMLYDAPDHLKSLVNRFVEL
NNITEPLAVTIQTNLPPSRGLGSSAAVAVAFVRASYDFLGKSLTKEELIEKANWAEQIAHGKPSGIDTQTIVSGKPVWFQ
KGHAETLKTLSLDGYMVVIDTGVKGSTRQAVHDVHKLCEDPQYMSHVKHIGKLVLRASDVIEHHKFEALADIFNECHADL
KALTVSHDKIEQLMKIGKENGAIAGKLTGAGRGGSMLLLAKDLPTAKNIVKAVEKAGAAHTWIENLGG
;
_entity_poly.pdbx_strand_id   A
#
loop_
_chem_comp.id
_chem_comp.type
_chem_comp.name
_chem_comp.formula
CIT non-polymer 'CITRIC ACID' 'C6 H8 O7'
CL non-polymer 'CHLORIDE ION' 'Cl -1'
#
# COMPACT_ATOMS: atom_id res chain seq x y z
N THR A 4 13.52 1.60 29.79
CA THR A 4 13.02 1.75 28.40
C THR A 4 14.16 2.12 27.44
N ARG A 5 14.86 1.09 26.92
CA ARG A 5 16.09 1.30 26.11
C ARG A 5 16.00 1.02 24.59
N LYS A 6 15.25 0.01 24.15
CA LYS A 6 15.22 -0.35 22.72
C LYS A 6 13.90 -0.96 22.23
N GLY A 7 13.49 -0.55 21.03
CA GLY A 7 12.19 -0.92 20.48
C GLY A 7 12.17 -1.02 18.97
N TYR A 8 11.54 -2.08 18.47
CA TYR A 8 11.52 -2.38 17.05
C TYR A 8 10.09 -2.60 16.57
N GLY A 9 9.76 -2.08 15.39
CA GLY A 9 8.46 -2.34 14.78
C GLY A 9 8.51 -2.49 13.27
N GLU A 10 7.59 -3.27 12.73
CA GLU A 10 7.48 -3.49 11.29
C GLU A 10 6.05 -3.31 10.83
N SER A 11 5.92 -3.00 9.55
CA SER A 11 4.61 -2.90 8.92
C SER A 11 4.64 -3.24 7.43
N THR A 12 3.57 -3.87 6.95
CA THR A 12 3.38 -4.03 5.51
C THR A 12 2.75 -2.75 4.96
N GLY A 13 2.68 -2.67 3.64
CA GLY A 13 1.86 -1.65 2.98
C GLY A 13 0.46 -2.20 2.74
N LYS A 14 -0.26 -1.58 1.80
CA LYS A 14 -1.54 -2.12 1.34
C LYS A 14 -1.82 -1.75 -0.12
N ILE A 15 -2.66 -2.53 -0.78
CA ILE A 15 -3.10 -2.19 -2.14
C ILE A 15 -4.61 -2.16 -2.21
N ILE A 16 -5.13 -1.13 -2.88
CA ILE A 16 -6.53 -1.09 -3.24
C ILE A 16 -6.61 -1.83 -4.57
N LEU A 17 -7.05 -3.09 -4.52
CA LEU A 17 -7.17 -3.90 -5.73
C LEU A 17 -8.14 -3.27 -6.72
N ILE A 18 -9.30 -2.86 -6.19
CA ILE A 18 -10.33 -2.19 -6.98
C ILE A 18 -10.92 -1.13 -6.07
N GLY A 19 -11.14 0.06 -6.64
CA GLY A 19 -11.67 1.19 -5.88
C GLY A 19 -10.80 2.40 -6.05
N GLU A 20 -11.32 3.56 -5.66
CA GLU A 20 -10.61 4.82 -5.83
C GLU A 20 -9.49 5.02 -4.83
N HIS A 21 -8.61 5.96 -5.18
CA HIS A 21 -7.52 6.39 -4.32
C HIS A 21 -8.05 7.04 -3.04
N ALA A 22 -7.38 6.79 -1.93
CA ALA A 22 -7.71 7.42 -0.64
C ALA A 22 -9.20 7.26 -0.31
N VAL A 23 -9.70 6.05 -0.55
CA VAL A 23 -11.12 5.77 -0.40
C VAL A 23 -11.57 6.04 1.02
N THR A 24 -12.82 6.45 1.16
CA THR A 24 -13.41 6.73 2.46
C THR A 24 -14.64 5.85 2.61
N PHE A 25 -15.04 5.60 3.85
CA PHE A 25 -16.23 4.82 4.09
C PHE A 25 -17.40 5.41 3.32
N GLY A 26 -18.20 4.52 2.72
CA GLY A 26 -19.32 4.92 1.89
C GLY A 26 -19.04 4.74 0.42
N GLU A 27 -17.77 4.64 0.05
CA GLU A 27 -17.34 4.46 -1.34
C GLU A 27 -16.83 3.01 -1.51
N PRO A 28 -17.08 2.38 -2.67
CA PRO A 28 -16.64 0.99 -2.84
C PRO A 28 -15.13 0.79 -3.02
N ALA A 29 -14.61 -0.25 -2.37
CA ALA A 29 -13.20 -0.59 -2.46
C ALA A 29 -12.91 -2.00 -1.91
N ILE A 30 -11.86 -2.61 -2.44
CA ILE A 30 -11.26 -3.79 -1.81
C ILE A 30 -9.77 -3.57 -1.59
N ALA A 31 -9.39 -3.46 -0.32
CA ALA A 31 -8.00 -3.30 0.07
C ALA A 31 -7.48 -4.62 0.63
N VAL A 32 -6.20 -4.92 0.38
CA VAL A 32 -5.55 -6.11 0.93
C VAL A 32 -4.15 -5.74 1.39
N PRO A 33 -3.59 -6.50 2.34
CA PRO A 33 -2.21 -6.28 2.75
C PRO A 33 -1.25 -6.41 1.59
N PHE A 34 -0.23 -5.56 1.55
CA PHE A 34 0.82 -5.65 0.54
C PHE A 34 2.09 -6.15 1.23
N ASN A 35 2.20 -7.46 1.31
CA ASN A 35 3.27 -8.12 2.08
C ASN A 35 4.66 -7.93 1.51
N ALA A 36 4.76 -7.56 0.24
CA ALA A 36 6.05 -7.29 -0.39
C ALA A 36 6.65 -5.96 0.08
N GLY A 37 5.79 -5.04 0.52
CA GLY A 37 6.25 -3.73 1.01
C GLY A 37 6.46 -3.79 2.50
N LYS A 38 7.63 -3.34 2.95
CA LYS A 38 8.00 -3.40 4.38
C LYS A 38 8.58 -2.07 4.84
N ILE A 39 8.04 -1.55 5.94
CA ILE A 39 8.63 -0.44 6.64
C ILE A 39 9.08 -0.94 8.02
N LYS A 40 10.34 -0.68 8.36
CA LYS A 40 10.92 -1.04 9.65
C LYS A 40 11.33 0.22 10.41
N VAL A 41 10.95 0.29 11.68
CA VAL A 41 11.39 1.38 12.56
C VAL A 41 12.16 0.83 13.76
N LEU A 42 13.31 1.43 14.04
CA LEU A 42 14.11 1.09 15.23
C LEU A 42 14.31 2.36 16.06
N ILE A 43 14.05 2.26 17.37
CA ILE A 43 14.25 3.35 18.31
C ILE A 43 15.25 2.88 19.35
N GLU A 44 16.40 3.54 19.44
CA GLU A 44 17.48 3.17 20.35
C GLU A 44 17.84 4.29 21.32
N ALA A 45 17.71 4.03 22.61
CA ALA A 45 18.30 4.89 23.63
C ALA A 45 19.82 4.77 23.56
N LEU A 46 20.50 5.92 23.62
CA LEU A 46 21.97 5.98 23.62
C LEU A 46 22.44 6.41 25.01
N GLU A 47 23.74 6.65 25.17
CA GLU A 47 24.33 6.87 26.50
C GLU A 47 24.72 8.35 26.78
N SER A 48 25.36 8.55 27.94
CA SER A 48 25.90 9.86 28.37
C SER A 48 25.40 11.05 27.52
N GLY A 49 26.23 11.51 26.59
CA GLY A 49 25.94 12.70 25.80
C GLY A 49 26.33 12.49 24.35
N ASN A 50 25.40 11.92 23.59
CA ASN A 50 25.51 11.88 22.14
C ASN A 50 24.35 12.69 21.59
N TYR A 51 24.47 13.12 20.34
CA TYR A 51 23.36 13.78 19.65
C TYR A 51 22.24 12.78 19.41
N SER A 52 21.02 13.30 19.25
CA SER A 52 19.90 12.48 18.84
C SER A 52 19.86 12.52 17.34
N SER A 53 19.42 11.43 16.72
CA SER A 53 19.36 11.37 15.27
C SER A 53 18.08 10.68 14.79
N ILE A 54 17.60 11.12 13.62
CA ILE A 54 16.57 10.41 12.89
C ILE A 54 17.14 10.13 11.51
N LYS A 55 17.25 8.86 11.15
CA LYS A 55 17.82 8.44 9.88
C LYS A 55 16.75 7.74 9.04
N SER A 56 16.56 8.19 7.81
CA SER A 56 15.61 7.56 6.88
C SER A 56 16.38 6.92 5.75
N ASP A 57 16.28 5.59 5.66
CA ASP A 57 16.94 4.81 4.61
C ASP A 57 15.91 4.48 3.56
N VAL A 58 16.20 4.80 2.30
CA VAL A 58 15.29 4.46 1.21
C VAL A 58 16.00 3.50 0.28
N TYR A 59 15.34 2.36 0.05
CA TYR A 59 15.93 1.26 -0.68
C TYR A 59 15.53 1.39 -2.14
N ASP A 60 16.45 0.97 -3.01
CA ASP A 60 16.35 1.24 -4.43
C ASP A 60 16.53 2.75 -4.71
N GLY A 61 16.30 3.18 -5.94
CA GLY A 61 16.39 4.61 -6.30
C GLY A 61 15.06 5.35 -6.12
N MET A 62 14.39 5.11 -5.00
CA MET A 62 13.11 5.75 -4.71
C MET A 62 13.30 7.07 -3.97
N LEU A 63 12.37 7.99 -4.20
CA LEU A 63 12.36 9.27 -3.51
C LEU A 63 11.91 9.09 -2.07
N TYR A 64 12.31 10.04 -1.23
CA TYR A 64 11.81 10.13 0.13
C TYR A 64 10.36 10.61 0.08
N ASP A 65 9.57 10.20 1.08
CA ASP A 65 8.19 10.62 1.19
C ASP A 65 8.13 11.94 1.94
N ALA A 66 8.40 13.03 1.23
CA ALA A 66 8.52 14.34 1.87
C ALA A 66 7.25 14.78 2.61
N PRO A 67 6.05 14.49 2.06
CA PRO A 67 4.80 14.82 2.76
C PRO A 67 4.54 14.08 4.09
N ASP A 68 5.35 13.07 4.42
CA ASP A 68 5.14 12.28 5.64
C ASP A 68 6.16 12.70 6.70
N HIS A 69 5.70 13.49 7.67
CA HIS A 69 6.60 14.23 8.55
C HIS A 69 6.87 13.43 9.82
N LEU A 70 7.88 12.56 9.73
CA LEU A 70 8.23 11.63 10.81
C LEU A 70 8.83 12.34 12.02
N LYS A 71 9.48 13.48 11.78
CA LYS A 71 10.03 14.31 12.86
C LYS A 71 8.95 14.70 13.87
N SER A 72 7.72 14.92 13.39
CA SER A 72 6.59 15.21 14.27
C SER A 72 6.24 14.02 15.18
N LEU A 73 6.30 12.80 14.63
CA LEU A 73 6.02 11.61 15.44
C LEU A 73 7.07 11.44 16.54
N VAL A 74 8.33 11.69 16.22
CA VAL A 74 9.41 11.50 17.19
C VAL A 74 9.37 12.58 18.29
N ASN A 75 9.20 13.84 17.89
CA ASN A 75 9.03 14.92 18.86
C ASN A 75 7.90 14.60 19.84
N ARG A 76 6.75 14.20 19.33
CA ARG A 76 5.60 13.84 20.16
C ARG A 76 5.94 12.69 21.11
N PHE A 77 6.62 11.68 20.59
CA PHE A 77 6.95 10.52 21.38
C PHE A 77 7.91 10.86 22.52
N VAL A 78 8.85 11.76 22.25
CA VAL A 78 9.84 12.19 23.23
C VAL A 78 9.24 13.06 24.33
N GLU A 79 8.23 13.87 23.99
CA GLU A 79 7.60 14.79 24.96
C GLU A 79 6.50 14.11 25.79
N LEU A 80 5.65 13.34 25.13
CA LEU A 80 4.59 12.59 25.83
C LEU A 80 5.17 11.69 26.94
N ASN A 81 6.31 11.07 26.66
CA ASN A 81 6.93 10.07 27.54
C ASN A 81 8.12 10.61 28.32
N ASN A 82 8.28 11.93 28.32
CA ASN A 82 9.35 12.59 29.06
C ASN A 82 10.71 11.90 28.91
N ILE A 83 11.05 11.56 27.66
CA ILE A 83 12.35 10.93 27.35
C ILE A 83 13.47 11.97 27.33
N THR A 84 14.37 11.88 28.30
CA THR A 84 15.47 12.82 28.43
C THR A 84 16.75 12.31 27.78
N GLU A 85 16.86 10.99 27.58
CA GLU A 85 18.06 10.38 27.02
C GLU A 85 18.13 10.52 25.48
N PRO A 86 19.36 10.68 24.93
CA PRO A 86 19.58 10.69 23.47
C PRO A 86 19.02 9.45 22.76
N LEU A 87 18.29 9.69 21.66
CA LEU A 87 17.62 8.64 20.88
C LEU A 87 18.14 8.62 19.45
N ALA A 88 18.35 7.42 18.92
CA ALA A 88 18.65 7.21 17.51
C ALA A 88 17.46 6.49 16.91
N VAL A 89 16.79 7.14 15.96
CA VAL A 89 15.63 6.57 15.28
C VAL A 89 16.00 6.28 13.84
N THR A 90 15.70 5.06 13.40
CA THR A 90 16.00 4.59 12.06
C THR A 90 14.72 4.06 11.43
N ILE A 91 14.44 4.51 10.20
CA ILE A 91 13.27 4.09 9.44
C ILE A 91 13.82 3.55 8.13
N GLN A 92 13.43 2.34 7.76
CA GLN A 92 13.79 1.77 6.47
C GLN A 92 12.51 1.54 5.67
N THR A 93 12.49 1.97 4.42
CA THR A 93 11.31 1.73 3.57
C THR A 93 11.62 1.18 2.19
N ASN A 94 10.74 0.26 1.81
CA ASN A 94 10.72 -0.41 0.52
C ASN A 94 9.76 0.25 -0.48
N LEU A 95 8.99 1.23 0.01
CA LEU A 95 7.79 1.74 -0.64
C LEU A 95 8.00 3.15 -1.21
N PRO A 96 7.53 3.39 -2.44
CA PRO A 96 7.63 4.72 -3.02
C PRO A 96 6.51 5.60 -2.46
N PRO A 97 6.73 6.91 -2.45
CA PRO A 97 5.69 7.79 -1.99
C PRO A 97 4.59 8.01 -3.04
N SER A 98 3.35 8.15 -2.55
CA SER A 98 2.22 8.67 -3.30
C SER A 98 1.73 7.77 -4.44
N ARG A 99 1.97 6.47 -4.32
CA ARG A 99 1.51 5.47 -5.28
C ARG A 99 0.35 4.63 -4.76
N GLY A 100 -0.20 5.01 -3.61
CA GLY A 100 -1.32 4.28 -3.01
C GLY A 100 -0.90 3.01 -2.29
N LEU A 101 0.38 2.86 -1.98
CA LEU A 101 0.89 1.60 -1.39
C LEU A 101 0.81 1.62 0.14
N GLY A 102 0.16 2.64 0.70
CA GLY A 102 -0.11 2.71 2.13
C GLY A 102 1.09 3.15 2.94
N SER A 103 1.91 4.01 2.34
CA SER A 103 3.16 4.43 2.93
C SER A 103 2.99 5.18 4.25
N SER A 104 2.11 6.18 4.26
CA SER A 104 1.84 6.92 5.49
C SER A 104 1.35 6.01 6.63
N ALA A 105 0.43 5.11 6.31
CA ALA A 105 -0.12 4.20 7.31
C ALA A 105 0.94 3.17 7.76
N ALA A 106 1.75 2.68 6.83
CA ALA A 106 2.82 1.74 7.16
C ALA A 106 3.82 2.33 8.17
N VAL A 107 4.34 3.52 7.87
CA VAL A 107 5.24 4.22 8.77
C VAL A 107 4.60 4.38 10.15
N ALA A 108 3.31 4.75 10.17
CA ALA A 108 2.62 4.99 11.42
C ALA A 108 2.44 3.72 12.24
N VAL A 109 2.07 2.62 11.60
CA VAL A 109 1.92 1.33 12.27
C VAL A 109 3.29 0.83 12.80
N ALA A 110 4.33 0.96 11.98
CA ALA A 110 5.68 0.57 12.35
C ALA A 110 6.20 1.43 13.51
N PHE A 111 5.99 2.74 13.42
CA PHE A 111 6.47 3.64 14.46
C PHE A 111 5.79 3.40 15.81
N VAL A 112 4.48 3.15 15.79
CA VAL A 112 3.72 2.91 17.01
C VAL A 112 4.14 1.59 17.66
N ARG A 113 4.29 0.55 16.85
CA ARG A 113 4.82 -0.72 17.31
C ARG A 113 6.19 -0.56 17.99
N ALA A 114 7.13 0.06 17.28
CA ALA A 114 8.46 0.36 17.81
C ALA A 114 8.38 1.11 19.13
N SER A 115 7.46 2.07 19.20
CA SER A 115 7.31 2.93 20.39
C SER A 115 6.90 2.13 21.60
N TYR A 116 5.89 1.28 21.45
CA TYR A 116 5.43 0.43 22.53
C TYR A 116 6.49 -0.58 22.95
N ASP A 117 7.18 -1.15 21.97
CA ASP A 117 8.24 -2.11 22.24
C ASP A 117 9.38 -1.46 23.06
N PHE A 118 9.73 -0.23 22.71
CA PHE A 118 10.71 0.58 23.43
C PHE A 118 10.32 0.83 24.89
N LEU A 119 9.08 1.26 25.10
CA LEU A 119 8.57 1.53 26.45
C LEU A 119 8.27 0.25 27.24
N GLY A 120 8.30 -0.90 26.58
CA GLY A 120 8.02 -2.17 27.21
C GLY A 120 6.53 -2.39 27.42
N LYS A 121 5.70 -1.70 26.63
CA LYS A 121 4.25 -1.66 26.85
C LYS A 121 3.50 -2.64 25.96
N SER A 122 2.48 -3.27 26.52
CA SER A 122 1.61 -4.16 25.77
C SER A 122 0.76 -3.36 24.78
N LEU A 123 0.59 -3.91 23.57
CA LEU A 123 -0.10 -3.24 22.47
C LEU A 123 -1.20 -4.12 21.87
N THR A 124 -2.45 -3.71 22.10
CA THR A 124 -3.62 -4.35 21.51
C THR A 124 -3.83 -3.84 20.08
N LYS A 125 -4.55 -4.62 19.28
CA LYS A 125 -4.93 -4.19 17.93
C LYS A 125 -5.67 -2.86 17.92
N GLU A 126 -6.78 -2.76 18.63
CA GLU A 126 -7.56 -1.52 18.62
C GLU A 126 -6.76 -0.31 19.11
N GLU A 127 -5.83 -0.53 20.04
CA GLU A 127 -4.95 0.53 20.52
C GLU A 127 -4.01 1.00 19.39
N LEU A 128 -3.43 0.04 18.68
CA LEU A 128 -2.60 0.32 17.52
C LEU A 128 -3.37 1.09 16.46
N ILE A 129 -4.62 0.65 16.20
CA ILE A 129 -5.49 1.29 15.23
C ILE A 129 -5.68 2.77 15.57
N GLU A 130 -6.05 3.04 16.82
CA GLU A 130 -6.24 4.41 17.28
C GLU A 130 -4.96 5.25 17.19
N LYS A 131 -3.86 4.72 17.69
CA LYS A 131 -2.60 5.45 17.72
C LYS A 131 -2.01 5.66 16.32
N ALA A 132 -2.15 4.65 15.46
CA ALA A 132 -1.66 4.77 14.09
C ALA A 132 -2.49 5.81 13.32
N ASN A 133 -3.81 5.78 13.48
CA ASN A 133 -4.65 6.77 12.80
C ASN A 133 -4.32 8.18 13.27
N TRP A 134 -4.06 8.34 14.56
CA TRP A 134 -3.65 9.64 15.11
C TRP A 134 -2.29 10.10 14.58
N ALA A 135 -1.35 9.15 14.44
CA ALA A 135 0.00 9.46 13.95
C ALA A 135 -0.02 9.89 12.48
N GLU A 136 -0.82 9.19 11.68
CA GLU A 136 -1.05 9.57 10.28
C GLU A 136 -1.58 11.01 10.16
N GLN A 137 -2.55 11.36 10.98
CA GLN A 137 -3.09 12.74 11.02
C GLN A 137 -2.00 13.78 11.31
N ILE A 138 -1.20 13.53 12.34
CA ILE A 138 -0.13 14.42 12.75
C ILE A 138 1.00 14.51 11.72
N ALA A 139 1.45 13.35 11.23
CA ALA A 139 2.60 13.28 10.33
C ALA A 139 2.24 13.64 8.89
N HIS A 140 1.03 13.28 8.47
CA HIS A 140 0.62 13.36 7.05
C HIS A 140 -0.64 14.22 6.80
N GLY A 141 -1.35 14.62 7.86
CA GLY A 141 -2.48 15.52 7.67
C GLY A 141 -3.84 14.87 7.57
N LYS A 142 -3.86 13.56 7.30
CA LYS A 142 -5.11 12.80 7.39
C LYS A 142 -4.86 11.33 7.61
N PRO A 143 -5.78 10.68 8.33
CA PRO A 143 -5.66 9.26 8.55
C PRO A 143 -6.28 8.50 7.37
N SER A 144 -5.97 7.21 7.27
CA SER A 144 -6.69 6.36 6.33
C SER A 144 -7.21 5.16 7.11
N GLY A 145 -8.49 5.18 7.42
CA GLY A 145 -9.12 4.09 8.16
C GLY A 145 -8.97 2.74 7.47
N ILE A 146 -9.21 2.71 6.16
CA ILE A 146 -9.13 1.45 5.42
C ILE A 146 -7.69 0.90 5.40
N ASP A 147 -6.71 1.77 5.15
CA ASP A 147 -5.30 1.36 5.08
C ASP A 147 -4.86 0.81 6.44
N THR A 148 -5.14 1.54 7.51
CA THR A 148 -4.71 1.13 8.84
C THR A 148 -5.36 -0.21 9.26
N GLN A 149 -6.65 -0.35 9.02
CA GLN A 149 -7.36 -1.57 9.39
C GLN A 149 -6.87 -2.78 8.56
N THR A 150 -6.67 -2.58 7.26
CA THR A 150 -6.17 -3.67 6.41
C THR A 150 -4.77 -4.10 6.87
N ILE A 151 -3.90 -3.13 7.11
CA ILE A 151 -2.54 -3.38 7.56
C ILE A 151 -2.48 -4.08 8.92
N VAL A 152 -3.14 -3.51 9.93
CA VAL A 152 -3.11 -4.04 11.29
C VAL A 152 -3.72 -5.45 11.39
N SER A 153 -4.93 -5.60 10.85
CA SER A 153 -5.61 -6.91 10.85
C SER A 153 -4.90 -7.97 10.00
N GLY A 154 -4.18 -7.54 8.97
CA GLY A 154 -3.60 -8.48 8.01
C GLY A 154 -4.66 -9.19 7.17
N LYS A 155 -5.83 -8.57 7.06
CA LYS A 155 -6.95 -9.14 6.33
C LYS A 155 -7.49 -8.15 5.28
N PRO A 156 -8.18 -8.67 4.24
CA PRO A 156 -8.80 -7.75 3.29
C PRO A 156 -9.94 -6.97 3.95
N VAL A 157 -10.13 -5.73 3.52
CA VAL A 157 -11.24 -4.89 3.96
C VAL A 157 -12.07 -4.51 2.75
N TRP A 158 -13.38 -4.69 2.85
CA TRP A 158 -14.31 -4.52 1.75
C TRP A 158 -15.28 -3.40 2.13
N PHE A 159 -15.33 -2.33 1.32
CA PHE A 159 -16.32 -1.26 1.45
C PHE A 159 -17.39 -1.42 0.36
N GLN A 160 -18.66 -1.24 0.72
CA GLN A 160 -19.76 -1.23 -0.26
C GLN A 160 -20.97 -0.48 0.26
N LYS A 161 -21.51 0.45 -0.52
CA LYS A 161 -22.76 1.15 -0.18
C LYS A 161 -22.64 1.76 1.22
N GLY A 162 -23.47 1.31 2.17
CA GLY A 162 -23.48 1.87 3.53
C GLY A 162 -22.93 0.92 4.58
N HIS A 163 -22.10 -0.03 4.17
CA HIS A 163 -21.48 -0.97 5.11
C HIS A 163 -20.03 -1.28 4.76
N ALA A 164 -19.29 -1.76 5.75
CA ALA A 164 -17.89 -2.20 5.55
C ALA A 164 -17.62 -3.47 6.35
N GLU A 165 -16.76 -4.34 5.82
CA GLU A 165 -16.46 -5.62 6.47
C GLU A 165 -14.98 -5.95 6.37
N THR A 166 -14.51 -6.76 7.29
CA THR A 166 -13.15 -7.31 7.24
C THR A 166 -13.29 -8.77 6.88
N LEU A 167 -12.66 -9.17 5.78
CA LEU A 167 -12.80 -10.55 5.30
C LEU A 167 -11.79 -11.46 5.99
N LYS A 168 -11.81 -12.75 5.65
CA LYS A 168 -10.81 -13.69 6.14
C LYS A 168 -9.51 -13.51 5.36
N THR A 169 -8.41 -14.05 5.89
CA THR A 169 -7.09 -13.91 5.27
C THR A 169 -7.12 -14.19 3.76
N LEU A 170 -6.37 -13.39 2.99
CA LEU A 170 -6.37 -13.53 1.54
C LEU A 170 -5.77 -14.86 1.10
N SER A 171 -6.52 -15.58 0.28
CA SER A 171 -6.07 -16.84 -0.26
C SER A 171 -6.56 -16.99 -1.70
N LEU A 172 -5.70 -16.59 -2.63
CA LEU A 172 -5.93 -16.80 -4.05
C LEU A 172 -4.71 -17.52 -4.59
N ASP A 173 -4.95 -18.57 -5.37
CA ASP A 173 -3.90 -19.37 -5.96
C ASP A 173 -3.32 -18.65 -7.18
N GLY A 174 -2.42 -17.71 -6.91
CA GLY A 174 -1.81 -16.91 -7.97
C GLY A 174 -0.92 -15.80 -7.47
N TYR A 175 -0.43 -15.00 -8.41
CA TYR A 175 0.54 -13.95 -8.14
C TYR A 175 0.10 -12.66 -8.80
N MET A 176 0.52 -11.56 -8.21
CA MET A 176 0.23 -10.24 -8.71
C MET A 176 1.53 -9.49 -8.79
N VAL A 177 1.89 -9.03 -9.99
CA VAL A 177 3.03 -8.12 -10.18
C VAL A 177 2.54 -6.70 -9.99
N VAL A 178 3.19 -5.97 -9.09
CA VAL A 178 2.86 -4.58 -8.82
C VAL A 178 3.93 -3.72 -9.48
N ILE A 179 3.52 -2.82 -10.37
CA ILE A 179 4.45 -1.97 -11.10
C ILE A 179 4.24 -0.49 -10.76
N ASP A 180 5.34 0.20 -10.46
CA ASP A 180 5.37 1.65 -10.25
C ASP A 180 6.00 2.27 -11.49
N THR A 181 5.30 3.21 -12.11
CA THR A 181 5.79 3.85 -13.34
C THR A 181 6.76 5.01 -13.08
N GLY A 182 6.94 5.41 -11.82
CA GLY A 182 7.97 6.37 -11.46
C GLY A 182 7.63 7.84 -11.70
N VAL A 183 8.68 8.67 -11.73
CA VAL A 183 8.52 10.11 -11.84
C VAL A 183 8.24 10.57 -13.27
N SER A 186 11.07 15.67 -12.54
CA SER A 186 9.91 16.38 -12.02
C SER A 186 9.88 16.34 -10.49
N THR A 187 10.18 15.17 -9.93
CA THR A 187 10.00 14.84 -8.52
C THR A 187 8.58 14.36 -8.20
N ARG A 188 7.57 14.87 -8.91
CA ARG A 188 6.20 14.42 -8.71
C ARG A 188 5.88 13.18 -9.54
N GLN A 189 5.04 12.33 -8.96
CA GLN A 189 4.79 10.99 -9.48
C GLN A 189 3.97 11.02 -10.77
N ALA A 190 4.25 10.06 -11.66
CA ALA A 190 3.51 9.93 -12.90
C ALA A 190 2.15 9.28 -12.66
N VAL A 191 1.26 10.03 -12.00
CA VAL A 191 -0.12 9.61 -11.77
C VAL A 191 -1.05 10.50 -12.59
N HIS A 192 -2.31 10.09 -12.67
CA HIS A 192 -3.29 10.74 -13.54
C HIS A 192 -4.49 11.23 -12.74
N PRO A 201 -17.55 14.75 -16.60
CA PRO A 201 -16.33 14.27 -17.26
C PRO A 201 -16.46 12.85 -17.83
N GLN A 202 -17.58 12.18 -17.53
CA GLN A 202 -17.82 10.76 -17.85
C GLN A 202 -17.00 9.76 -17.00
N TYR A 203 -16.08 10.26 -16.18
CA TYR A 203 -15.39 9.45 -15.17
C TYR A 203 -16.36 8.97 -14.06
N MET A 204 -17.50 9.65 -13.91
CA MET A 204 -18.51 9.28 -12.92
C MET A 204 -19.11 7.92 -13.18
N SER A 205 -19.32 7.62 -14.45
CA SER A 205 -19.88 6.33 -14.87
C SER A 205 -18.88 5.20 -14.62
N HIS A 206 -17.58 5.48 -14.76
CA HIS A 206 -16.54 4.48 -14.45
C HIS A 206 -16.53 4.13 -12.95
N VAL A 207 -16.68 5.14 -12.11
CA VAL A 207 -16.71 4.97 -10.67
C VAL A 207 -18.01 4.29 -10.25
N LYS A 208 -19.10 4.62 -10.94
CA LYS A 208 -20.37 3.91 -10.78
C LYS A 208 -20.17 2.43 -11.11
N HIS A 209 -19.48 2.15 -12.21
CA HIS A 209 -19.28 0.76 -12.66
C HIS A 209 -18.33 -0.04 -11.78
N ILE A 210 -17.27 0.56 -11.25
CA ILE A 210 -16.36 -0.23 -10.43
C ILE A 210 -17.08 -0.65 -9.13
N GLY A 211 -18.06 0.16 -8.71
CA GLY A 211 -18.95 -0.21 -7.63
C GLY A 211 -19.50 -1.61 -7.75
N LYS A 212 -20.15 -1.92 -8.88
CA LYS A 212 -20.61 -3.30 -9.11
C LYS A 212 -19.45 -4.30 -9.23
N LEU A 213 -18.33 -3.89 -9.80
CA LEU A 213 -17.16 -4.77 -9.89
C LEU A 213 -16.51 -5.09 -8.53
N VAL A 214 -16.58 -4.14 -7.59
CA VAL A 214 -16.14 -4.38 -6.22
C VAL A 214 -17.05 -5.39 -5.51
N LEU A 215 -18.34 -5.38 -5.85
CA LEU A 215 -19.31 -6.31 -5.26
C LEU A 215 -19.03 -7.74 -5.72
N ARG A 216 -18.76 -7.92 -7.02
CA ARG A 216 -18.38 -9.23 -7.52
C ARG A 216 -17.01 -9.67 -6.98
N ALA A 217 -16.10 -8.73 -6.80
CA ALA A 217 -14.76 -9.02 -6.26
C ALA A 217 -14.78 -9.55 -4.84
N SER A 218 -15.72 -9.09 -4.02
CA SER A 218 -15.84 -9.53 -2.65
C SER A 218 -16.17 -11.01 -2.59
N ASP A 219 -17.15 -11.44 -3.38
CA ASP A 219 -17.52 -12.87 -3.44
C ASP A 219 -16.41 -13.71 -4.05
N VAL A 220 -15.86 -13.24 -5.16
CA VAL A 220 -14.73 -13.88 -5.83
C VAL A 220 -13.55 -14.12 -4.86
N ILE A 221 -13.28 -13.16 -3.99
CA ILE A 221 -12.19 -13.29 -3.01
C ILE A 221 -12.58 -14.24 -1.88
N GLU A 222 -13.81 -14.13 -1.38
CA GLU A 222 -14.32 -15.03 -0.36
C GLU A 222 -14.32 -16.51 -0.78
N HIS A 223 -14.42 -16.76 -2.09
CA HIS A 223 -14.50 -18.13 -2.61
C HIS A 223 -13.23 -18.55 -3.39
N HIS A 224 -12.18 -17.73 -3.26
CA HIS A 224 -10.84 -18.08 -3.69
C HIS A 224 -10.73 -18.34 -5.19
N LYS A 225 -11.38 -17.50 -5.99
CA LYS A 225 -11.49 -17.70 -7.43
C LYS A 225 -10.58 -16.71 -8.18
N PHE A 226 -9.38 -17.18 -8.52
CA PHE A 226 -8.37 -16.37 -9.18
C PHE A 226 -8.75 -15.99 -10.62
N GLU A 227 -9.26 -16.95 -11.39
CA GLU A 227 -9.75 -16.69 -12.76
C GLU A 227 -10.81 -15.59 -12.81
N ALA A 228 -11.75 -15.61 -11.87
CA ALA A 228 -12.81 -14.61 -11.82
C ALA A 228 -12.25 -13.23 -11.48
N LEU A 229 -11.27 -13.17 -10.58
CA LEU A 229 -10.61 -11.90 -10.28
C LEU A 229 -9.86 -11.38 -11.51
N ALA A 230 -9.29 -12.29 -12.30
CA ALA A 230 -8.69 -11.91 -13.58
C ALA A 230 -9.73 -11.27 -14.52
N ASP A 231 -10.87 -11.92 -14.67
CA ASP A 231 -11.99 -11.36 -15.43
C ASP A 231 -12.31 -9.95 -14.93
N ILE A 232 -12.54 -9.80 -13.63
CA ILE A 232 -12.86 -8.51 -13.02
C ILE A 232 -11.79 -7.44 -13.28
N PHE A 233 -10.51 -7.81 -13.15
CA PHE A 233 -9.42 -6.88 -13.47
C PHE A 233 -9.55 -6.37 -14.91
N ASN A 234 -9.76 -7.29 -15.85
CA ASN A 234 -9.80 -6.95 -17.28
C ASN A 234 -11.05 -6.15 -17.64
N GLU A 235 -12.16 -6.44 -16.95
CA GLU A 235 -13.38 -5.63 -17.10
C GLU A 235 -13.20 -4.22 -16.58
N CYS A 236 -12.55 -4.07 -15.42
CA CYS A 236 -12.25 -2.76 -14.84
CA CYS A 236 -12.31 -2.75 -14.87
C CYS A 236 -11.46 -1.91 -15.83
N HIS A 237 -10.41 -2.51 -16.39
CA HIS A 237 -9.51 -1.79 -17.28
C HIS A 237 -10.18 -1.33 -18.58
N ALA A 238 -10.90 -2.27 -19.22
CA ALA A 238 -11.67 -1.99 -20.42
C ALA A 238 -12.69 -0.89 -20.17
N ASP A 239 -13.37 -0.96 -19.03
CA ASP A 239 -14.33 0.08 -18.63
C ASP A 239 -13.66 1.44 -18.54
N LEU A 240 -12.51 1.50 -17.87
CA LEU A 240 -11.73 2.75 -17.76
C LEU A 240 -11.38 3.31 -19.14
N LYS A 241 -10.86 2.43 -20.00
CA LYS A 241 -10.38 2.82 -21.32
C LYS A 241 -11.53 3.24 -22.24
N ALA A 242 -12.64 2.53 -22.13
CA ALA A 242 -13.85 2.86 -22.87
C ALA A 242 -14.33 4.28 -22.55
N LEU A 243 -14.20 4.68 -21.30
CA LEU A 243 -14.83 5.91 -20.80
C LEU A 243 -13.88 7.08 -20.58
N THR A 244 -12.57 6.88 -20.77
CA THR A 244 -11.62 7.97 -20.56
C THR A 244 -10.51 8.00 -21.60
N VAL A 245 -9.89 9.17 -21.73
CA VAL A 245 -8.74 9.37 -22.59
C VAL A 245 -7.56 8.62 -21.98
N SER A 246 -7.05 7.65 -22.73
CA SER A 246 -5.99 6.76 -22.25
C SER A 246 -4.61 7.27 -22.67
N HIS A 247 -3.57 6.62 -22.16
CA HIS A 247 -2.17 7.08 -22.32
C HIS A 247 -1.29 5.96 -22.88
N ASP A 248 -0.60 6.28 -23.98
CA ASP A 248 0.14 5.29 -24.77
C ASP A 248 1.20 4.54 -23.96
N LYS A 249 1.96 5.27 -23.15
CA LYS A 249 3.10 4.69 -22.43
C LYS A 249 2.69 3.69 -21.35
N ILE A 250 1.54 3.93 -20.70
CA ILE A 250 1.00 3.00 -19.71
C ILE A 250 0.43 1.75 -20.38
N GLU A 251 -0.36 1.95 -21.44
CA GLU A 251 -1.00 0.82 -22.12
C GLU A 251 0.05 -0.10 -22.74
N GLN A 252 1.13 0.49 -23.26
CA GLN A 252 2.24 -0.27 -23.82
C GLN A 252 2.98 -1.09 -22.75
N LEU A 253 3.03 -0.59 -21.53
CA LEU A 253 3.65 -1.31 -20.43
C LEU A 253 2.79 -2.52 -20.04
N MET A 254 1.47 -2.35 -20.01
CA MET A 254 0.58 -3.48 -19.75
C MET A 254 0.62 -4.49 -20.90
N LYS A 255 0.68 -4.00 -22.13
CA LYS A 255 0.84 -4.83 -23.32
C LYS A 255 2.07 -5.74 -23.19
N ILE A 256 3.18 -5.17 -22.73
CA ILE A 256 4.42 -5.93 -22.51
C ILE A 256 4.28 -6.97 -21.39
N GLY A 257 3.57 -6.61 -20.32
CA GLY A 257 3.28 -7.56 -19.24
C GLY A 257 2.45 -8.75 -19.70
N LYS A 258 1.46 -8.50 -20.53
CA LYS A 258 0.59 -9.56 -21.05
C LYS A 258 1.30 -10.44 -22.08
N GLU A 259 1.99 -9.81 -23.04
CA GLU A 259 2.85 -10.52 -23.99
C GLU A 259 3.77 -11.51 -23.28
N ASN A 260 4.11 -11.22 -22.02
CA ASN A 260 4.99 -12.06 -21.22
C ASN A 260 4.28 -12.88 -20.13
N GLY A 261 2.97 -13.12 -20.32
CA GLY A 261 2.25 -14.10 -19.49
C GLY A 261 1.25 -13.57 -18.46
N ALA A 262 1.12 -12.25 -18.33
CA ALA A 262 0.11 -11.68 -17.44
C ALA A 262 -1.28 -11.93 -18.04
N ILE A 263 -2.16 -12.57 -17.25
CA ILE A 263 -3.51 -12.92 -17.72
C ILE A 263 -4.50 -11.81 -17.49
N ALA A 264 -4.09 -10.77 -16.76
CA ALA A 264 -4.95 -9.64 -16.46
C ALA A 264 -4.13 -8.42 -16.05
N GLY A 265 -4.74 -7.25 -16.17
CA GLY A 265 -4.09 -5.99 -15.82
C GLY A 265 -5.08 -4.88 -15.53
N LYS A 266 -4.73 -4.03 -14.56
CA LYS A 266 -5.48 -2.80 -14.29
C LYS A 266 -4.63 -1.79 -13.53
N LEU A 267 -5.10 -0.55 -13.50
CA LEU A 267 -4.48 0.50 -12.71
C LEU A 267 -5.21 0.60 -11.38
N THR A 268 -4.49 1.02 -10.34
CA THR A 268 -5.12 1.24 -9.05
C THR A 268 -5.82 2.59 -9.03
N GLY A 269 -6.68 2.79 -8.04
CA GLY A 269 -7.23 4.13 -7.77
C GLY A 269 -8.20 4.63 -8.81
N ALA A 270 -8.99 3.72 -9.37
CA ALA A 270 -9.99 4.04 -10.38
C ALA A 270 -9.37 4.77 -11.57
N GLY A 271 -8.19 4.33 -12.00
CA GLY A 271 -7.49 4.99 -13.11
C GLY A 271 -6.43 6.03 -12.74
N ARG A 272 -6.23 6.28 -11.44
CA ARG A 272 -5.13 7.15 -11.00
C ARG A 272 -3.76 6.55 -11.37
N GLY A 273 -3.60 5.25 -11.18
CA GLY A 273 -2.43 4.53 -11.65
C GLY A 273 -1.22 4.65 -10.74
N GLY A 274 -1.46 4.72 -9.43
CA GLY A 274 -0.39 4.62 -8.45
C GLY A 274 0.43 3.37 -8.67
N SER A 275 -0.26 2.25 -8.87
CA SER A 275 0.38 1.02 -9.30
C SER A 275 -0.30 0.50 -10.56
N MET A 276 0.44 -0.30 -11.32
CA MET A 276 -0.16 -1.19 -12.31
C MET A 276 -0.12 -2.56 -11.66
N LEU A 277 -1.24 -3.26 -11.70
CA LEU A 277 -1.34 -4.60 -11.12
C LEU A 277 -1.54 -5.62 -12.24
N LEU A 278 -0.64 -6.60 -12.34
CA LEU A 278 -0.75 -7.67 -13.35
C LEU A 278 -0.86 -9.03 -12.65
N LEU A 279 -1.77 -9.87 -13.14
CA LEU A 279 -2.02 -11.16 -12.54
C LEU A 279 -1.32 -12.27 -13.32
N ALA A 280 -0.59 -13.11 -12.60
CA ALA A 280 0.13 -14.23 -13.18
C ALA A 280 -0.25 -15.48 -12.41
N LYS A 281 -0.23 -16.62 -13.09
CA LYS A 281 -0.65 -17.89 -12.50
C LYS A 281 0.41 -18.48 -11.57
N ASP A 282 1.69 -18.26 -11.87
CA ASP A 282 2.78 -18.88 -11.11
C ASP A 282 3.99 -17.95 -10.99
N LEU A 283 4.93 -18.34 -10.14
CA LEU A 283 6.06 -17.45 -9.79
C LEU A 283 7.00 -17.23 -10.97
N PRO A 284 7.37 -18.29 -11.71
CA PRO A 284 8.22 -18.09 -12.89
C PRO A 284 7.69 -17.07 -13.90
N THR A 285 6.37 -17.08 -14.15
CA THR A 285 5.76 -16.16 -15.11
C THR A 285 5.79 -14.73 -14.54
N ALA A 286 5.59 -14.62 -13.23
CA ALA A 286 5.68 -13.31 -12.55
C ALA A 286 7.11 -12.76 -12.64
N LYS A 287 8.10 -13.63 -12.53
CA LYS A 287 9.51 -13.20 -12.68
C LYS A 287 9.82 -12.77 -14.11
N ASN A 288 9.19 -13.44 -15.08
CA ASN A 288 9.35 -13.08 -16.49
C ASN A 288 8.70 -11.73 -16.81
N ILE A 289 7.53 -11.50 -16.23
CA ILE A 289 6.83 -10.21 -16.38
C ILE A 289 7.69 -9.09 -15.82
N VAL A 290 8.24 -9.30 -14.63
CA VAL A 290 9.07 -8.31 -13.96
C VAL A 290 10.22 -7.89 -14.86
N LYS A 291 10.99 -8.86 -15.35
CA LYS A 291 12.15 -8.54 -16.16
C LYS A 291 11.76 -7.79 -17.43
N ALA A 292 10.73 -8.27 -18.13
CA ALA A 292 10.29 -7.63 -19.37
C ALA A 292 9.80 -6.20 -19.16
N VAL A 293 9.13 -5.96 -18.04
CA VAL A 293 8.55 -4.65 -17.73
C VAL A 293 9.60 -3.65 -17.23
N GLU A 294 10.58 -4.14 -16.48
CA GLU A 294 11.72 -3.33 -16.04
C GLU A 294 12.56 -2.94 -17.25
N LYS A 295 12.86 -3.94 -18.09
CA LYS A 295 13.58 -3.75 -19.34
C LYS A 295 12.91 -2.67 -20.20
N ALA A 296 11.58 -2.64 -20.17
CA ALA A 296 10.79 -1.65 -20.92
C ALA A 296 10.55 -0.34 -20.15
N GLY A 297 11.23 -0.17 -19.02
CA GLY A 297 11.25 1.11 -18.32
C GLY A 297 10.50 1.20 -16.99
N ALA A 298 9.68 0.19 -16.64
CA ALA A 298 9.01 0.20 -15.34
C ALA A 298 10.04 0.57 -14.28
N ALA A 299 9.77 1.62 -13.51
CA ALA A 299 10.76 2.15 -12.57
C ALA A 299 11.03 1.18 -11.41
N HIS A 300 9.97 0.61 -10.84
CA HIS A 300 10.10 -0.30 -9.69
C HIS A 300 9.01 -1.38 -9.76
N THR A 301 9.32 -2.58 -9.30
CA THR A 301 8.36 -3.68 -9.31
C THR A 301 8.40 -4.51 -8.04
N TRP A 302 7.30 -5.21 -7.77
CA TRP A 302 7.21 -6.17 -6.66
C TRP A 302 6.38 -7.39 -7.09
N ILE A 303 6.70 -8.55 -6.53
CA ILE A 303 5.91 -9.74 -6.73
C ILE A 303 5.18 -10.07 -5.44
N GLU A 304 3.85 -10.10 -5.51
CA GLU A 304 3.01 -10.44 -4.38
C GLU A 304 2.42 -11.84 -4.57
N ASN A 305 2.75 -12.75 -3.66
CA ASN A 305 2.06 -14.04 -3.58
C ASN A 305 0.68 -13.79 -2.97
N LEU A 306 -0.37 -14.33 -3.59
CA LEU A 306 -1.72 -14.04 -3.12
C LEU A 306 -2.23 -15.05 -2.11
N GLY A 307 -1.32 -15.90 -1.60
CA GLY A 307 -1.58 -16.69 -0.39
C GLY A 307 -2.19 -18.06 -0.59
N GLY A 308 -2.47 -18.42 -1.83
CA GLY A 308 -2.99 -19.75 -2.16
C GLY A 308 -1.86 -20.76 -2.21
C1 CIT B . 2.20 8.64 1.16
O1 CIT B . 2.97 8.09 0.34
O2 CIT B . 2.74 9.20 2.15
C2 CIT B . 0.69 8.67 0.93
C3 CIT B . 0.02 7.28 0.86
O7 CIT B . 0.25 6.55 2.10
C4 CIT B . -1.49 7.50 0.75
C5 CIT B . -2.24 6.34 0.12
O3 CIT B . -1.88 5.16 0.30
O4 CIT B . -3.24 6.56 -0.61
C6 CIT B . 0.55 6.48 -0.35
O5 CIT B . 0.22 6.81 -1.52
O6 CIT B . 1.31 5.50 -0.19
CL CL C . -3.61 5.09 -6.85
#